data_6UPR
#
_entry.id   6UPR
#
_cell.length_a   52.754
_cell.length_b   82.773
_cell.length_c   78.144
_cell.angle_alpha   90.000
_cell.angle_beta   103.630
_cell.angle_gamma   90.000
#
_symmetry.space_group_name_H-M   'P 1 21 1'
#
loop_
_entity.id
_entity.type
_entity.pdbx_description
1 polymer Septin-2
2 polymer Septin-8
3 non-polymer "GUANOSINE-5'-DIPHOSPHATE"
4 non-polymer "GUANOSINE-5'-TRIPHOSPHATE"
5 non-polymer 'MAGNESIUM ION'
6 water water
#
loop_
_entity_poly.entity_id
_entity_poly.type
_entity_poly.pdbx_seq_one_letter_code
_entity_poly.pdbx_strand_id
1 'polypeptide(L)'
;MFEFTLMVVGESGLGKSTLINSLFLTDLYPERVIPGAAEKIERTVQIEASTVEIEERGVKLRLTVVDTPGYGDAINCRDC
FKTIISYIDEQFERYLHDESGLNRRHIIDNRVHCCFYFISPFGHGLKPLDVAFMKAIHNKVNIVPVIAKADTLTLKERER
LKKRILDEIEEHNIKIYHLPDAESDEDEDFKEQTRLLKASIPFSVVGSNQLIEAKGKKVRGRLYPWGVVEVENPEHNDFL
KLRTMLITHMQDLQEVTQDLHYENFRSERLKRGG
;
A
2 'polypeptide(L)'
;MGSSHHHHHHSQDPNSSKSVTQGFSFNILCVGETGIGKSTLMNTLFNTTFETEEASHHEACVRLRPQTYDLQESNVQLKL
TIVDAVGFGDQINKDESYRPIVDYIDAQFENYLQEELKIRRSLFDYHDTRIHVCLYFITPTGHSLKSLDLVTMKKLDSKV
NIIPIIAKADTISKSELHKFKIKIMGELVSNGVQIYQFPTDDEAVAEINAVMNAHLPFAVVGSTEEVKVGNKLVRARQYP
WGVVQVENENHCDFVKLREMLIRVNMEDLREQTHSRHYELYRRCKLEEMGFQ
;
B
#
# COMPACT_ATOMS: atom_id res chain seq x y z
N PHE A 2 -25.40 -4.34 26.88
CA PHE A 2 -24.93 -3.07 26.33
C PHE A 2 -24.57 -3.21 24.85
N GLU A 3 -24.94 -2.21 24.07
CA GLU A 3 -24.64 -2.17 22.64
C GLU A 3 -23.32 -1.44 22.39
N PHE A 4 -22.61 -1.86 21.36
CA PHE A 4 -21.38 -1.19 20.96
C PHE A 4 -21.18 -1.35 19.46
N THR A 5 -21.09 -0.22 18.77
CA THR A 5 -20.86 -0.18 17.33
C THR A 5 -19.43 0.28 17.06
N LEU A 6 -18.70 -0.51 16.28
CA LEU A 6 -17.32 -0.22 15.91
C LEU A 6 -17.25 -0.12 14.39
N MET A 7 -16.76 1.02 13.90
CA MET A 7 -16.62 1.23 12.46
C MET A 7 -15.18 1.00 12.03
N VAL A 8 -15.01 0.36 10.88
CA VAL A 8 -13.70 0.00 10.36
C VAL A 8 -13.54 0.64 8.99
N VAL A 9 -12.53 1.50 8.85
CA VAL A 9 -12.26 2.22 7.61
C VAL A 9 -10.79 2.06 7.27
N GLY A 10 -10.50 1.87 5.98
CA GLY A 10 -9.12 1.75 5.55
C GLY A 10 -8.99 1.19 4.14
N GLU A 11 -7.83 1.43 3.53
CA GLU A 11 -7.57 0.92 2.20
C GLU A 11 -7.74 -0.59 2.16
N SER A 12 -8.33 -1.07 1.07
CA SER A 12 -8.53 -2.51 0.92
C SER A 12 -7.19 -3.23 0.91
N GLY A 13 -7.15 -4.41 1.51
CA GLY A 13 -5.95 -5.22 1.52
C GLY A 13 -4.97 -4.94 2.63
N LEU A 14 -5.43 -4.39 3.77
CA LEU A 14 -4.55 -4.06 4.87
C LEU A 14 -4.64 -5.03 6.03
N GLY A 15 -5.35 -6.15 5.85
CA GLY A 15 -5.56 -7.06 6.96
C GLY A 15 -6.67 -6.64 7.90
N LYS A 16 -7.53 -5.71 7.47
CA LYS A 16 -8.59 -5.21 8.34
C LYS A 16 -9.51 -6.34 8.78
N SER A 17 -10.09 -7.07 7.83
CA SER A 17 -10.98 -8.17 8.20
C SER A 17 -10.26 -9.21 9.04
N THR A 18 -8.99 -9.48 8.72
CA THR A 18 -8.23 -10.48 9.47
C THR A 18 -8.01 -10.03 10.91
N LEU A 19 -7.73 -8.75 11.12
CA LEU A 19 -7.53 -8.27 12.49
C LEU A 19 -8.83 -8.29 13.27
N ILE A 20 -9.94 -7.87 12.65
CA ILE A 20 -11.20 -7.77 13.37
C ILE A 20 -11.64 -9.15 13.85
N ASN A 21 -11.62 -10.13 12.96
CA ASN A 21 -11.93 -11.51 13.37
C ASN A 21 -10.95 -12.02 14.42
N SER A 22 -9.73 -11.48 14.45
CA SER A 22 -8.77 -11.91 15.46
C SER A 22 -9.14 -11.39 16.85
N LEU A 23 -9.86 -10.26 16.91
CA LEU A 23 -10.17 -9.65 18.20
C LEU A 23 -11.15 -10.50 19.00
N PHE A 24 -12.16 -11.07 18.34
CA PHE A 24 -13.22 -11.79 19.06
C PHE A 24 -13.53 -13.15 18.45
N LEU A 25 -12.64 -13.67 17.59
CA LEU A 25 -12.80 -15.00 16.99
C LEU A 25 -14.13 -15.13 16.26
N THR A 26 -14.50 -14.10 15.52
CA THR A 26 -15.75 -14.08 14.77
C THR A 26 -15.49 -14.46 13.31
N ASP A 27 -16.57 -14.78 12.61
CA ASP A 27 -16.57 -14.98 11.17
C ASP A 27 -17.53 -13.97 10.56
N LEU A 28 -17.13 -12.70 10.58
CA LEU A 28 -18.01 -11.62 10.16
C LEU A 28 -18.10 -11.48 8.64
N TYR A 29 -17.31 -12.23 7.88
CA TYR A 29 -17.23 -12.06 6.43
C TYR A 29 -17.26 -13.42 5.75
N PRO A 30 -18.40 -14.13 5.80
CA PRO A 30 -18.49 -15.42 5.10
C PRO A 30 -18.63 -15.22 3.60
N GLU A 31 -19.56 -14.36 3.19
CA GLU A 31 -19.76 -13.97 1.80
C GLU A 31 -19.24 -12.55 1.64
N ARG A 32 -18.23 -12.38 0.79
CA ARG A 32 -17.49 -11.13 0.71
C ARG A 32 -17.30 -10.79 -0.76
N VAL A 33 -17.83 -9.64 -1.18
CA VAL A 33 -17.74 -9.21 -2.57
C VAL A 33 -16.33 -8.69 -2.83
N ILE A 34 -15.57 -9.43 -3.64
CA ILE A 34 -14.21 -9.03 -4.02
C ILE A 34 -14.21 -8.67 -5.50
N PRO A 35 -14.29 -7.40 -5.86
CA PRO A 35 -14.34 -7.04 -7.28
C PRO A 35 -12.97 -7.07 -7.91
N GLY A 36 -12.96 -7.31 -9.22
CA GLY A 36 -11.73 -7.23 -9.99
C GLY A 36 -11.27 -5.79 -10.12
N ALA A 37 -10.10 -5.63 -10.73
CA ALA A 37 -9.53 -4.31 -10.88
C ALA A 37 -10.38 -3.44 -11.82
N ALA A 38 -10.84 -4.03 -12.92
CA ALA A 38 -11.75 -3.32 -13.82
C ALA A 38 -13.02 -2.87 -13.13
N GLU A 39 -13.46 -3.61 -12.11
CA GLU A 39 -14.71 -3.28 -11.42
C GLU A 39 -14.53 -2.15 -10.42
N LYS A 40 -13.37 -2.07 -9.77
CA LYS A 40 -13.13 -1.08 -8.73
C LYS A 40 -12.61 0.25 -9.28
N ILE A 41 -12.70 0.47 -10.60
CA ILE A 41 -12.31 1.76 -11.16
C ILE A 41 -13.22 2.86 -10.64
N GLU A 42 -14.52 2.58 -10.59
CA GLU A 42 -15.54 3.52 -10.11
C GLU A 42 -16.40 2.89 -9.04
N ARG A 43 -15.77 2.21 -8.08
CA ARG A 43 -16.52 1.51 -7.04
C ARG A 43 -17.02 2.50 -6.01
N THR A 44 -18.31 2.42 -5.68
CA THR A 44 -18.90 3.22 -4.62
C THR A 44 -18.54 2.63 -3.26
N VAL A 45 -18.54 3.49 -2.24
CA VAL A 45 -18.33 3.03 -0.88
C VAL A 45 -19.65 2.52 -0.33
N GLN A 46 -19.64 1.30 0.20
CA GLN A 46 -20.83 0.67 0.74
C GLN A 46 -20.67 0.46 2.24
N ILE A 47 -21.81 0.43 2.93
CA ILE A 47 -21.86 0.17 4.37
C ILE A 47 -22.35 -1.25 4.57
N GLU A 48 -21.57 -2.05 5.31
CA GLU A 48 -21.94 -3.43 5.64
C GLU A 48 -21.80 -3.60 7.14
N ALA A 49 -22.92 -3.84 7.81
CA ALA A 49 -22.97 -3.95 9.26
C ALA A 49 -23.29 -5.37 9.68
N SER A 50 -22.57 -5.87 10.68
CA SER A 50 -22.83 -7.19 11.25
C SER A 50 -22.87 -7.07 12.77
N THR A 51 -23.78 -7.81 13.39
CA THR A 51 -23.95 -7.77 14.84
C THR A 51 -23.80 -9.16 15.43
N VAL A 52 -22.94 -9.29 16.44
CA VAL A 52 -22.68 -10.57 17.08
C VAL A 52 -22.62 -10.37 18.59
N GLU A 53 -22.92 -11.44 19.32
CA GLU A 53 -22.85 -11.43 20.78
C GLU A 53 -21.55 -12.06 21.23
N ILE A 54 -20.81 -11.33 22.07
CA ILE A 54 -19.54 -11.80 22.62
C ILE A 54 -19.58 -11.63 24.14
N GLU A 55 -18.80 -12.47 24.82
CA GLU A 55 -18.75 -12.44 26.28
C GLU A 55 -17.34 -12.10 26.76
N LYS A 60 -20.78 -9.87 28.79
CA LYS A 60 -21.57 -10.16 27.60
C LYS A 60 -22.15 -8.89 27.00
N LEU A 61 -21.98 -8.70 25.69
CA LEU A 61 -22.52 -7.53 25.02
C LEU A 61 -22.74 -7.85 23.55
N ARG A 62 -23.49 -6.96 22.90
CA ARG A 62 -23.81 -7.08 21.47
C ARG A 62 -22.89 -6.14 20.70
N LEU A 63 -22.00 -6.72 19.90
CA LEU A 63 -21.01 -5.97 19.15
C LEU A 63 -21.46 -5.82 17.70
N THR A 64 -21.44 -4.60 17.20
CA THR A 64 -21.74 -4.31 15.80
C THR A 64 -20.48 -3.79 15.12
N VAL A 65 -20.11 -4.40 13.99
CA VAL A 65 -19.01 -3.92 13.17
C VAL A 65 -19.60 -3.28 11.92
N VAL A 66 -19.25 -2.01 11.68
CA VAL A 66 -19.72 -1.27 10.52
C VAL A 66 -18.52 -1.14 9.58
N ASP A 67 -18.47 -2.02 8.57
CA ASP A 67 -17.42 -1.99 7.56
C ASP A 67 -17.79 -1.07 6.41
N THR A 68 -16.77 -0.68 5.66
CA THR A 68 -16.93 0.27 4.55
C THR A 68 -16.17 -0.25 3.33
N PRO A 69 -16.64 -1.36 2.75
CA PRO A 69 -16.02 -1.83 1.49
C PRO A 69 -16.11 -0.76 0.42
N GLY A 70 -15.08 -0.70 -0.42
CA GLY A 70 -15.00 0.24 -1.50
C GLY A 70 -14.22 1.50 -1.20
N TYR A 71 -14.01 1.80 0.09
CA TYR A 71 -13.28 3.00 0.49
C TYR A 71 -11.86 2.94 -0.06
N GLY A 72 -11.52 3.94 -0.88
CA GLY A 72 -10.21 4.03 -1.50
C GLY A 72 -10.03 3.22 -2.76
N ASP A 73 -11.00 2.38 -3.14
CA ASP A 73 -10.84 1.56 -4.34
C ASP A 73 -10.90 2.40 -5.60
N ALA A 74 -11.78 3.40 -5.63
CA ALA A 74 -12.00 4.16 -6.85
C ALA A 74 -10.75 4.95 -7.24
N ILE A 75 -10.57 5.11 -8.55
CA ILE A 75 -9.51 5.97 -9.05
C ILE A 75 -9.68 7.39 -8.52
N ASN A 76 -10.84 7.98 -8.78
CA ASN A 76 -11.19 9.29 -8.26
C ASN A 76 -12.08 9.12 -7.05
N CYS A 77 -12.00 10.08 -6.12
N CYS A 77 -11.87 9.98 -6.06
CA CYS A 77 -12.97 10.24 -5.03
CA CYS A 77 -12.59 9.86 -4.81
C CYS A 77 -13.96 11.36 -5.38
C CYS A 77 -13.57 11.02 -4.70
N ARG A 78 -15.18 10.97 -5.73
N ARG A 78 -14.42 11.18 -5.72
CA ARG A 78 -16.29 11.89 -5.98
CA ARG A 78 -15.47 12.19 -5.69
C ARG A 78 -17.28 11.77 -4.82
C ARG A 78 -16.50 11.77 -4.65
N ASP A 79 -16.98 12.46 -3.73
N ASP A 79 -16.51 12.48 -3.52
CA ASP A 79 -17.73 12.34 -2.47
CA ASP A 79 -17.46 12.20 -2.44
C ASP A 79 -17.71 10.88 -1.99
C ASP A 79 -17.29 10.77 -1.93
N CYS A 80 -16.50 10.36 -1.83
N CYS A 80 -16.03 10.38 -1.72
CA CYS A 80 -16.31 9.01 -1.31
CA CYS A 80 -15.72 9.08 -1.13
C CYS A 80 -16.52 8.92 0.20
C CYS A 80 -16.25 8.94 0.30
N PHE A 81 -16.75 10.05 0.88
N PHE A 81 -16.69 10.03 0.93
CA PHE A 81 -17.03 10.06 2.31
CA PHE A 81 -17.04 10.01 2.34
C PHE A 81 -18.52 10.20 2.62
C PHE A 81 -18.53 10.15 2.63
N LYS A 82 -19.36 10.45 1.61
CA LYS A 82 -20.78 10.68 1.85
C LYS A 82 -21.44 9.50 2.53
N THR A 83 -21.29 8.30 1.97
CA THR A 83 -21.96 7.14 2.51
C THR A 83 -21.54 6.88 3.95
N ILE A 84 -20.27 7.15 4.27
CA ILE A 84 -19.80 6.95 5.64
C ILE A 84 -20.36 8.03 6.56
N ILE A 85 -20.26 9.29 6.15
CA ILE A 85 -20.73 10.38 6.99
C ILE A 85 -22.25 10.33 7.16
N SER A 86 -22.98 10.07 6.07
CA SER A 86 -24.42 10.00 6.17
C SER A 86 -24.86 8.84 7.05
N TYR A 87 -24.05 7.77 7.12
CA TYR A 87 -24.37 6.69 8.04
C TYR A 87 -24.19 7.15 9.48
N ILE A 88 -23.08 7.82 9.77
CA ILE A 88 -22.82 8.30 11.13
C ILE A 88 -23.91 9.27 11.56
N ASP A 89 -24.32 10.18 10.66
CA ASP A 89 -25.37 11.13 10.98
C ASP A 89 -26.72 10.45 11.11
N GLU A 90 -26.97 9.39 10.34
CA GLU A 90 -28.26 8.69 10.41
C GLU A 90 -28.46 8.05 11.78
N GLN A 91 -27.39 7.50 12.36
CA GLN A 91 -27.51 6.90 13.69
C GLN A 91 -27.72 7.98 14.75
N PHE A 92 -27.05 9.13 14.60
CA PHE A 92 -27.34 10.27 15.48
C PHE A 92 -28.79 10.69 15.32
N GLU A 93 -29.24 10.89 14.08
CA GLU A 93 -30.61 11.31 13.82
C GLU A 93 -31.63 10.34 14.38
N ARG A 94 -31.32 9.04 14.33
CA ARG A 94 -32.28 8.05 14.82
C ARG A 94 -32.35 8.06 16.34
N TYR A 95 -31.21 8.27 17.01
CA TYR A 95 -31.21 8.36 18.46
C TYR A 95 -31.97 9.59 18.94
N LEU A 96 -31.72 10.74 18.33
CA LEU A 96 -32.42 11.96 18.71
C LEU A 96 -33.93 11.79 18.57
N HIS A 97 -34.38 11.20 17.47
CA HIS A 97 -35.79 10.96 17.27
C HIS A 97 -36.37 10.02 18.32
N ASP A 98 -35.59 9.00 18.71
CA ASP A 98 -36.08 8.04 19.68
C ASP A 98 -36.13 8.62 21.08
N GLU A 99 -35.07 9.35 21.49
CA GLU A 99 -35.08 9.91 22.83
C GLU A 99 -36.02 11.11 22.95
N SER A 100 -36.45 11.69 21.83
CA SER A 100 -37.41 12.79 21.84
C SER A 100 -38.86 12.32 21.84
N GLY A 101 -39.12 11.05 21.53
CA GLY A 101 -40.48 10.57 21.52
C GLY A 101 -41.11 10.58 22.90
N LEU A 102 -42.45 10.62 22.91
CA LEU A 102 -43.19 10.61 24.17
C LEU A 102 -43.14 9.23 24.81
N ASN A 103 -43.44 8.18 24.04
CA ASN A 103 -43.38 6.81 24.54
C ASN A 103 -42.05 6.14 24.25
N ARG A 104 -40.95 6.87 24.44
CA ARG A 104 -39.64 6.23 24.40
C ARG A 104 -39.60 5.17 25.49
N ARG A 105 -38.97 4.04 25.18
CA ARG A 105 -39.00 2.86 26.06
C ARG A 105 -37.57 2.36 26.10
N HIS A 106 -37.33 1.10 25.80
CA HIS A 106 -35.92 0.69 25.68
C HIS A 106 -35.35 1.26 24.39
N ILE A 107 -34.35 2.12 24.50
CA ILE A 107 -33.77 2.80 23.34
C ILE A 107 -32.58 1.99 22.82
N ILE A 108 -32.61 1.66 21.53
CA ILE A 108 -31.54 0.89 20.89
C ILE A 108 -30.51 1.88 20.35
N ASP A 109 -29.34 1.89 20.96
CA ASP A 109 -28.27 2.81 20.58
C ASP A 109 -27.51 2.23 19.39
N ASN A 110 -27.67 2.86 18.22
CA ASN A 110 -26.94 2.46 17.02
C ASN A 110 -25.83 3.42 16.66
N ARG A 111 -25.56 4.41 17.52
CA ARG A 111 -24.51 5.38 17.25
C ARG A 111 -23.15 4.70 17.20
N VAL A 112 -22.27 5.22 16.33
CA VAL A 112 -20.93 4.68 16.17
C VAL A 112 -20.07 5.16 17.34
N HIS A 113 -19.52 4.22 18.10
CA HIS A 113 -18.77 4.54 19.30
C HIS A 113 -17.28 4.65 19.06
N CYS A 114 -16.77 4.02 18.00
CA CYS A 114 -15.35 4.00 17.73
C CYS A 114 -15.15 3.69 16.25
N CYS A 115 -14.16 4.35 15.65
CA CYS A 115 -13.80 4.11 14.26
C CYS A 115 -12.32 3.77 14.19
N PHE A 116 -12.02 2.50 13.94
CA PHE A 116 -10.65 2.10 13.62
C PHE A 116 -10.31 2.58 12.22
N TYR A 117 -9.32 3.47 12.11
CA TYR A 117 -8.79 3.86 10.81
C TYR A 117 -7.44 3.19 10.61
N PHE A 118 -7.40 2.22 9.70
CA PHE A 118 -6.16 1.49 9.42
C PHE A 118 -5.28 2.28 8.47
N ILE A 119 -4.02 2.48 8.88
CA ILE A 119 -3.04 3.24 8.11
C ILE A 119 -2.06 2.27 7.48
N SER A 120 -1.72 2.51 6.22
CA SER A 120 -0.80 1.63 5.50
C SER A 120 0.61 1.74 6.10
N PRO A 121 1.30 0.61 6.30
CA PRO A 121 2.71 0.68 6.69
C PRO A 121 3.66 0.84 5.52
N PHE A 122 3.16 0.82 4.29
CA PHE A 122 4.03 0.80 3.11
C PHE A 122 4.48 2.17 2.66
N GLY A 123 3.94 3.24 3.25
CA GLY A 123 4.31 4.59 2.90
C GLY A 123 5.28 5.21 3.90
N HIS A 124 5.42 6.53 3.82
CA HIS A 124 6.19 7.27 4.80
C HIS A 124 5.33 7.77 5.95
N GLY A 125 4.02 7.85 5.77
CA GLY A 125 3.12 8.38 6.78
C GLY A 125 1.70 8.50 6.26
N LEU A 126 1.02 9.59 6.59
CA LEU A 126 -0.37 9.76 6.20
C LEU A 126 -0.48 10.27 4.77
N LYS A 127 -1.38 9.68 4.01
CA LYS A 127 -1.70 10.16 2.68
C LYS A 127 -2.82 11.19 2.75
N PRO A 128 -2.93 12.05 1.75
CA PRO A 128 -4.00 13.07 1.78
C PRO A 128 -5.39 12.49 2.00
N LEU A 129 -5.68 11.30 1.50
CA LEU A 129 -6.98 10.68 1.76
C LEU A 129 -7.17 10.39 3.24
N ASP A 130 -6.09 10.02 3.94
CA ASP A 130 -6.19 9.74 5.37
C ASP A 130 -6.53 11.01 6.15
N VAL A 131 -5.87 12.13 5.83
CA VAL A 131 -6.10 13.37 6.56
C VAL A 131 -7.50 13.91 6.26
N ALA A 132 -7.91 13.87 4.99
CA ALA A 132 -9.22 14.41 4.63
C ALA A 132 -10.33 13.62 5.30
N PHE A 133 -10.20 12.30 5.39
CA PHE A 133 -11.25 11.51 6.01
C PHE A 133 -11.29 11.72 7.52
N MET A 134 -10.11 11.69 8.16
CA MET A 134 -10.07 11.86 9.61
C MET A 134 -10.61 13.22 10.02
N LYS A 135 -10.23 14.28 9.30
CA LYS A 135 -10.80 15.60 9.58
C LYS A 135 -12.28 15.66 9.22
N ALA A 136 -12.77 14.72 8.41
CA ALA A 136 -14.17 14.72 8.04
C ALA A 136 -15.07 14.05 9.07
N ILE A 137 -14.49 13.33 10.05
CA ILE A 137 -15.32 12.61 11.03
C ILE A 137 -14.81 12.78 12.46
N HIS A 138 -13.73 13.55 12.65
CA HIS A 138 -13.18 13.62 14.00
C HIS A 138 -14.05 14.44 14.96
N ASN A 139 -15.07 15.13 14.45
CA ASN A 139 -16.08 15.75 15.29
C ASN A 139 -17.35 14.90 15.39
N LYS A 140 -17.32 13.68 14.86
CA LYS A 140 -18.48 12.81 14.84
C LYS A 140 -18.26 11.47 15.52
N VAL A 141 -17.03 10.96 15.56
CA VAL A 141 -16.76 9.64 16.10
C VAL A 141 -15.38 9.67 16.77
N ASN A 142 -15.12 8.64 17.58
CA ASN A 142 -13.82 8.50 18.25
C ASN A 142 -12.87 7.77 17.31
N ILE A 143 -11.85 8.49 16.83
CA ILE A 143 -10.89 7.94 15.88
C ILE A 143 -9.77 7.23 16.62
N VAL A 144 -9.54 5.97 16.27
CA VAL A 144 -8.42 5.19 16.78
C VAL A 144 -7.53 4.83 15.61
N PRO A 145 -6.42 5.54 15.41
CA PRO A 145 -5.52 5.21 14.31
C PRO A 145 -4.80 3.89 14.58
N VAL A 146 -4.69 3.08 13.53
CA VAL A 146 -4.09 1.75 13.65
C VAL A 146 -3.14 1.54 12.47
N ILE A 147 -1.89 1.20 12.78
CA ILE A 147 -0.93 0.83 11.75
C ILE A 147 -1.15 -0.63 11.41
N ALA A 148 -1.69 -0.88 10.22
CA ALA A 148 -1.96 -2.24 9.78
C ALA A 148 -0.65 -2.93 9.39
N LYS A 149 -0.69 -4.27 9.41
CA LYS A 149 0.43 -5.12 8.98
C LYS A 149 1.75 -4.63 9.58
N ALA A 150 1.85 -4.76 10.90
CA ALA A 150 3.02 -4.24 11.59
C ALA A 150 4.28 -5.03 11.26
N ASP A 151 4.16 -6.25 10.75
CA ASP A 151 5.31 -7.08 10.45
C ASP A 151 6.06 -6.62 9.21
N THR A 152 5.60 -5.58 8.52
CA THR A 152 6.34 -5.02 7.40
C THR A 152 7.38 -4.01 7.84
N LEU A 153 7.46 -3.71 9.13
CA LEU A 153 8.34 -2.68 9.65
C LEU A 153 9.34 -3.27 10.64
N THR A 154 10.60 -2.85 10.53
CA THR A 154 11.55 -3.11 11.60
C THR A 154 11.21 -2.24 12.81
N LEU A 155 11.92 -2.49 13.91
CA LEU A 155 11.63 -1.72 15.13
C LEU A 155 11.97 -0.24 14.94
N LYS A 156 13.06 0.05 14.22
CA LYS A 156 13.42 1.44 13.98
C LYS A 156 12.47 2.08 12.97
N GLU A 157 12.02 1.32 11.97
CA GLU A 157 11.01 1.82 11.04
C GLU A 157 9.66 1.97 11.74
N ARG A 158 9.39 1.14 12.74
CA ARG A 158 8.13 1.25 13.47
C ARG A 158 8.11 2.49 14.36
N GLU A 159 9.23 2.76 15.05
CA GLU A 159 9.31 3.94 15.90
C GLU A 159 9.19 5.22 15.07
N ARG A 160 9.78 5.22 13.88
CA ARG A 160 9.74 6.42 13.03
C ARG A 160 8.35 6.68 12.49
N LEU A 161 7.67 5.64 12.03
CA LEU A 161 6.32 5.81 11.49
C LEU A 161 5.33 6.23 12.59
N LYS A 162 5.49 5.69 13.80
CA LYS A 162 4.59 6.08 14.89
C LYS A 162 4.77 7.56 15.23
N LYS A 163 6.02 7.98 15.41
CA LYS A 163 6.29 9.39 15.76
C LYS A 163 5.81 10.32 14.65
N ARG A 164 5.99 9.94 13.39
CA ARG A 164 5.60 10.82 12.30
C ARG A 164 4.08 10.96 12.20
N ILE A 165 3.36 9.84 12.34
CA ILE A 165 1.89 9.89 12.29
C ILE A 165 1.34 10.79 13.38
N LEU A 166 1.88 10.68 14.60
CA LEU A 166 1.45 11.58 15.68
C LEU A 166 1.74 13.02 15.32
N ASP A 167 2.87 13.28 14.66
CA ASP A 167 3.23 14.66 14.31
C ASP A 167 2.32 15.22 13.22
N GLU A 168 1.97 14.38 12.24
CA GLU A 168 1.08 14.83 11.18
C GLU A 168 -0.35 15.01 11.70
N ILE A 169 -0.74 14.25 12.72
CA ILE A 169 -2.03 14.46 13.37
C ILE A 169 -2.05 15.82 14.07
N GLU A 170 -0.98 16.13 14.81
CA GLU A 170 -0.84 17.46 15.39
C GLU A 170 -0.82 18.54 14.32
N GLU A 171 -0.18 18.26 13.18
CA GLU A 171 0.01 19.29 12.15
C GLU A 171 -1.32 19.67 11.50
N HIS A 172 -2.16 18.69 11.17
CA HIS A 172 -3.43 18.94 10.52
C HIS A 172 -4.59 19.10 11.51
N ASN A 173 -4.29 19.15 12.80
CA ASN A 173 -5.31 19.33 13.85
C ASN A 173 -6.40 18.27 13.78
N ILE A 174 -5.98 17.01 13.70
CA ILE A 174 -6.89 15.88 13.75
C ILE A 174 -7.17 15.54 15.21
N LYS A 175 -8.44 15.35 15.54
CA LYS A 175 -8.86 15.01 16.90
C LYS A 175 -9.07 13.50 16.96
N ILE A 176 -8.16 12.80 17.61
CA ILE A 176 -8.28 11.37 17.79
C ILE A 176 -8.65 11.11 19.24
N TYR A 177 -9.22 9.92 19.47
CA TYR A 177 -9.60 9.52 20.82
C TYR A 177 -8.37 9.49 21.72
N HIS A 178 -8.50 10.08 22.90
CA HIS A 178 -7.45 10.10 23.91
C HIS A 178 -7.90 9.28 25.10
N LEU A 179 -7.06 8.34 25.53
CA LEU A 179 -7.39 7.50 26.66
C LEU A 179 -7.46 8.35 27.93
N PRO A 180 -8.42 8.07 28.82
CA PRO A 180 -8.51 8.83 30.06
C PRO A 180 -7.33 8.53 30.97
N ASP A 181 -6.84 9.56 31.65
CA ASP A 181 -5.79 9.38 32.63
C ASP A 181 -6.34 8.63 33.84
N ALA A 182 -5.61 7.62 34.30
CA ALA A 182 -6.04 6.86 35.46
C ALA A 182 -6.11 7.75 36.70
N GLU A 183 -7.31 8.03 37.17
CA GLU A 183 -7.49 8.86 38.36
C GLU A 183 -6.77 8.24 39.54
N SER A 184 -6.11 9.09 40.34
CA SER A 184 -5.25 8.62 41.41
C SER A 184 -6.00 7.81 42.46
N ASP A 185 -6.56 6.68 42.05
CA ASP A 185 -7.30 5.78 42.93
C ASP A 185 -7.10 4.30 42.62
N GLU A 186 -6.80 3.92 41.38
CA GLU A 186 -6.68 2.52 41.02
C GLU A 186 -5.33 1.96 41.48
N ASP A 187 -5.12 0.68 41.22
CA ASP A 187 -3.90 0.02 41.65
C ASP A 187 -2.71 0.53 40.84
N GLU A 188 -1.51 0.15 41.30
CA GLU A 188 -0.32 0.40 40.50
C GLU A 188 -0.38 -0.33 39.17
N ASP A 189 -1.06 -1.48 39.13
CA ASP A 189 -1.17 -2.26 37.90
C ASP A 189 -1.96 -1.49 36.83
N PHE A 190 -3.11 -0.95 37.22
CA PHE A 190 -3.91 -0.20 36.25
C PHE A 190 -3.23 1.11 35.86
N LYS A 191 -2.44 1.69 36.76
CA LYS A 191 -1.71 2.91 36.43
C LYS A 191 -0.64 2.63 35.38
N GLU A 192 0.10 1.53 35.52
CA GLU A 192 1.16 1.23 34.56
C GLU A 192 0.59 0.83 33.21
N GLN A 193 -0.53 0.09 33.21
CA GLN A 193 -1.14 -0.32 31.94
C GLN A 193 -1.61 0.89 31.14
N THR A 194 -2.10 1.93 31.83
CA THR A 194 -2.67 3.07 31.14
C THR A 194 -1.59 3.88 30.43
N ARG A 195 -0.49 4.21 31.13
CA ARG A 195 0.57 4.98 30.49
C ARG A 195 1.33 4.14 29.45
N LEU A 196 1.27 2.82 29.56
CA LEU A 196 1.87 1.96 28.54
C LEU A 196 1.05 1.98 27.25
N LEU A 197 -0.28 1.92 27.37
CA LEU A 197 -1.13 1.95 26.18
C LEU A 197 -1.01 3.28 25.46
N LYS A 198 -0.93 4.38 26.20
CA LYS A 198 -0.83 5.69 25.56
C LYS A 198 0.54 5.90 24.94
N ALA A 199 1.57 5.25 25.46
CA ALA A 199 2.91 5.39 24.91
C ALA A 199 3.12 4.58 23.63
N SER A 200 2.22 3.66 23.31
CA SER A 200 2.31 2.86 22.09
C SER A 200 1.33 3.32 21.01
N ILE A 201 0.73 4.48 21.17
CA ILE A 201 -0.21 4.99 20.17
C ILE A 201 0.59 5.68 19.07
N PRO A 202 0.27 5.45 17.79
CA PRO A 202 -0.80 4.56 17.31
C PRO A 202 -0.36 3.10 17.27
N PHE A 203 -1.29 2.20 17.57
CA PHE A 203 -0.97 0.78 17.67
C PHE A 203 -0.64 0.20 16.30
N SER A 204 0.50 -0.48 16.23
CA SER A 204 0.92 -1.20 15.03
C SER A 204 0.69 -2.68 15.29
N VAL A 205 -0.23 -3.29 14.54
CA VAL A 205 -0.76 -4.58 14.92
C VAL A 205 -0.59 -5.59 13.79
N VAL A 206 -0.69 -6.87 14.17
CA VAL A 206 -0.64 -7.99 13.25
C VAL A 206 -1.82 -8.91 13.55
N GLY A 207 -2.61 -9.22 12.52
CA GLY A 207 -3.66 -10.20 12.66
C GLY A 207 -3.35 -11.51 11.97
N SER A 208 -3.99 -12.61 12.41
CA SER A 208 -3.80 -13.90 11.74
C SER A 208 -4.86 -14.94 12.10
N ASN A 209 -5.40 -15.60 11.08
CA ASN A 209 -6.33 -16.71 11.24
C ASN A 209 -5.63 -18.08 11.18
N GLN A 210 -4.33 -18.14 11.46
CA GLN A 210 -3.55 -19.34 11.23
C GLN A 210 -2.77 -19.71 12.48
N LEU A 211 -2.54 -21.01 12.64
CA LEU A 211 -1.76 -21.53 13.75
C LEU A 211 -0.30 -21.73 13.33
N ILE A 212 0.61 -21.39 14.24
CA ILE A 212 2.04 -21.58 14.04
C ILE A 212 2.66 -22.06 15.34
N GLU A 213 3.86 -22.61 15.23
CA GLU A 213 4.62 -23.03 16.39
C GLU A 213 5.52 -21.89 16.86
N ALA A 214 5.49 -21.60 18.15
CA ALA A 214 6.30 -20.53 18.71
C ALA A 214 6.61 -20.85 20.16
N LYS A 215 7.90 -20.97 20.49
CA LYS A 215 8.36 -21.22 21.86
C LYS A 215 7.82 -22.53 22.42
N GLY A 216 7.50 -23.48 21.54
CA GLY A 216 6.97 -24.75 21.95
C GLY A 216 5.46 -24.77 22.16
N LYS A 217 4.72 -23.86 21.55
CA LYS A 217 3.28 -23.79 21.71
C LYS A 217 2.65 -23.43 20.37
N LYS A 218 1.40 -23.86 20.17
CA LYS A 218 0.65 -23.56 18.95
C LYS A 218 -0.21 -22.33 19.20
N VAL A 219 0.24 -21.19 18.69
CA VAL A 219 -0.43 -19.91 18.87
C VAL A 219 -0.68 -19.28 17.51
N ARG A 220 -1.49 -18.22 17.49
CA ARG A 220 -1.81 -17.54 16.25
C ARG A 220 -0.64 -16.70 15.78
N GLY A 221 -0.42 -16.66 14.47
CA GLY A 221 0.67 -15.86 13.94
C GLY A 221 0.87 -16.10 12.45
N ARG A 222 1.91 -15.44 11.94
CA ARG A 222 2.24 -15.47 10.52
C ARG A 222 3.59 -16.16 10.31
N LEU A 223 3.63 -17.07 9.34
CA LEU A 223 4.78 -17.93 9.10
C LEU A 223 5.54 -17.45 7.87
N TYR A 224 6.84 -17.23 8.03
CA TYR A 224 7.76 -16.88 6.96
C TYR A 224 8.94 -17.86 6.93
N PRO A 225 9.64 -17.96 5.80
CA PRO A 225 10.85 -18.79 5.78
C PRO A 225 11.89 -18.39 6.82
N TRP A 226 11.99 -17.10 7.14
CA TRP A 226 13.01 -16.62 8.06
C TRP A 226 12.55 -16.53 9.50
N GLY A 227 11.26 -16.64 9.77
CA GLY A 227 10.81 -16.53 11.15
C GLY A 227 9.30 -16.54 11.26
N VAL A 228 8.83 -16.42 12.50
CA VAL A 228 7.41 -16.49 12.82
C VAL A 228 7.02 -15.25 13.61
N VAL A 229 5.97 -14.57 13.15
CA VAL A 229 5.40 -13.43 13.85
C VAL A 229 4.26 -13.94 14.72
N GLU A 230 4.30 -13.62 16.01
CA GLU A 230 3.25 -14.04 16.95
C GLU A 230 2.26 -12.91 17.16
N VAL A 231 0.97 -13.22 17.02
CA VAL A 231 -0.07 -12.22 17.21
C VAL A 231 -0.07 -11.71 18.65
N GLU A 232 0.02 -12.62 19.62
CA GLU A 232 -0.12 -12.24 21.02
C GLU A 232 1.23 -11.99 21.70
N ASN A 233 2.29 -11.74 20.93
CA ASN A 233 3.58 -11.38 21.50
C ASN A 233 3.72 -9.87 21.48
N PRO A 234 3.72 -9.20 22.64
CA PRO A 234 3.88 -7.72 22.62
C PRO A 234 5.24 -7.27 22.12
N GLU A 235 6.24 -8.16 22.09
CA GLU A 235 7.52 -7.86 21.50
C GLU A 235 7.53 -7.97 19.98
N HIS A 236 6.39 -8.31 19.38
CA HIS A 236 6.26 -8.38 17.92
C HIS A 236 5.29 -7.34 17.36
N ASN A 237 4.14 -7.15 17.98
CA ASN A 237 3.18 -6.15 17.53
C ASN A 237 2.32 -5.74 18.72
N ASP A 238 1.41 -4.80 18.47
CA ASP A 238 0.60 -4.16 19.52
C ASP A 238 -0.81 -4.74 19.61
N PHE A 239 -1.01 -5.98 19.17
CA PHE A 239 -2.37 -6.53 19.13
C PHE A 239 -2.99 -6.58 20.52
N LEU A 240 -2.26 -7.13 21.50
CA LEU A 240 -2.77 -7.20 22.85
C LEU A 240 -3.05 -5.80 23.40
N LYS A 241 -2.18 -4.83 23.10
CA LYS A 241 -2.40 -3.48 23.58
C LYS A 241 -3.61 -2.83 22.92
N LEU A 242 -3.91 -3.21 21.67
CA LEU A 242 -5.13 -2.70 21.05
C LEU A 242 -6.36 -3.37 21.64
N ARG A 243 -6.33 -4.71 21.76
CA ARG A 243 -7.47 -5.42 22.31
C ARG A 243 -7.76 -5.01 23.76
N THR A 244 -6.71 -4.90 24.57
CA THR A 244 -6.88 -4.45 25.94
C THR A 244 -7.41 -3.02 25.98
N MET A 245 -6.93 -2.16 25.08
CA MET A 245 -7.41 -0.79 25.03
C MET A 245 -8.91 -0.75 24.75
N LEU A 246 -9.38 -1.59 23.82
CA LEU A 246 -10.79 -1.55 23.44
C LEU A 246 -11.68 -2.08 24.55
N ILE A 247 -11.26 -3.15 25.22
CA ILE A 247 -12.09 -3.77 26.25
C ILE A 247 -12.18 -2.85 27.47
N THR A 248 -11.04 -2.36 27.94
CA THR A 248 -11.04 -1.58 29.17
C THR A 248 -11.59 -0.17 28.97
N HIS A 249 -11.70 0.29 27.73
CA HIS A 249 -12.17 1.64 27.44
C HIS A 249 -13.46 1.66 26.62
N MET A 250 -14.14 0.52 26.52
CA MET A 250 -15.41 0.48 25.78
C MET A 250 -16.41 1.47 26.37
N GLN A 251 -16.62 1.43 27.69
CA GLN A 251 -17.60 2.31 28.31
C GLN A 251 -17.24 3.78 28.10
N ASP A 252 -15.96 4.13 28.20
CA ASP A 252 -15.57 5.52 28.00
C ASP A 252 -15.76 5.95 26.56
N LEU A 253 -15.53 5.04 25.60
CA LEU A 253 -15.83 5.37 24.20
C LEU A 253 -17.31 5.63 24.02
N GLN A 254 -18.16 4.83 24.69
CA GLN A 254 -19.59 5.09 24.68
C GLN A 254 -19.92 6.44 25.31
N GLU A 255 -19.30 6.75 26.45
CA GLU A 255 -19.63 7.98 27.17
C GLU A 255 -19.23 9.21 26.36
N VAL A 256 -18.04 9.19 25.76
CA VAL A 256 -17.60 10.33 24.94
C VAL A 256 -18.49 10.48 23.72
N THR A 257 -18.92 9.37 23.14
CA THR A 257 -19.86 9.42 22.02
C THR A 257 -21.13 10.16 22.41
N GLN A 258 -21.71 9.81 23.56
CA GLN A 258 -22.94 10.45 24.03
C GLN A 258 -22.70 11.90 24.39
N ASP A 259 -21.68 12.16 25.21
CA ASP A 259 -21.52 13.47 25.83
C ASP A 259 -20.92 14.50 24.89
N LEU A 260 -20.06 14.08 23.96
CA LEU A 260 -19.36 15.01 23.08
C LEU A 260 -19.95 15.03 21.68
N HIS A 261 -19.89 13.90 20.96
CA HIS A 261 -20.25 13.90 19.55
C HIS A 261 -21.77 14.02 19.36
N TYR A 262 -22.54 13.24 20.10
CA TYR A 262 -23.99 13.31 19.94
C TYR A 262 -24.54 14.67 20.38
N GLU A 263 -24.06 15.18 21.52
CA GLU A 263 -24.56 16.48 21.98
C GLU A 263 -24.17 17.59 21.01
N ASN A 264 -22.98 17.48 20.41
CA ASN A 264 -22.58 18.45 19.39
C ASN A 264 -23.43 18.32 18.14
N PHE A 265 -23.72 17.09 17.72
CA PHE A 265 -24.69 16.89 16.64
C PHE A 265 -26.04 17.48 17.01
N ARG A 266 -26.50 17.18 18.22
CA ARG A 266 -27.84 17.59 18.62
C ARG A 266 -27.98 19.10 18.54
N SER A 267 -27.02 19.84 19.10
CA SER A 267 -27.08 21.30 19.03
C SER A 267 -26.93 21.77 17.59
N GLU A 268 -25.89 21.29 16.89
CA GLU A 268 -25.65 21.64 15.49
C GLU A 268 -26.85 21.39 14.59
N ARG A 269 -27.85 20.64 15.04
CA ARG A 269 -29.05 20.36 14.27
C ARG A 269 -30.29 20.99 14.85
N LEU A 270 -30.47 20.91 16.18
CA LEU A 270 -31.71 21.37 16.81
C LEU A 270 -31.99 22.84 16.58
N LYS A 271 -30.96 23.64 16.27
CA LYS A 271 -31.16 25.01 15.81
C LYS A 271 -31.25 24.97 14.29
N ARG A 272 -32.44 25.21 13.75
CA ARG A 272 -32.68 25.16 12.33
C ARG A 272 -32.55 23.76 11.75
N GLY B 23 29.42 -0.53 -24.41
CA GLY B 23 29.19 0.86 -24.09
C GLY B 23 27.90 1.43 -24.66
N PHE B 24 26.84 1.43 -23.85
CA PHE B 24 25.54 1.95 -24.29
C PHE B 24 24.80 2.49 -23.08
N SER B 25 23.69 3.17 -23.36
CA SER B 25 22.85 3.73 -22.31
C SER B 25 21.75 2.74 -21.92
N PHE B 26 21.23 2.93 -20.71
CA PHE B 26 20.16 2.10 -20.20
C PHE B 26 19.27 2.97 -19.33
N ASN B 27 17.98 3.01 -19.65
CA ASN B 27 17.05 3.95 -19.03
C ASN B 27 15.94 3.15 -18.34
N ILE B 28 15.93 3.21 -17.01
CA ILE B 28 14.98 2.48 -16.19
C ILE B 28 13.92 3.45 -15.68
N LEU B 29 12.66 3.10 -15.87
CA LEU B 29 11.53 3.85 -15.34
C LEU B 29 10.95 3.11 -14.14
N CYS B 30 10.86 3.80 -13.01
CA CYS B 30 10.29 3.25 -11.78
C CYS B 30 8.92 3.87 -11.55
N VAL B 31 7.88 3.04 -11.56
CA VAL B 31 6.52 3.48 -11.29
C VAL B 31 6.00 2.70 -10.09
N GLY B 32 5.76 3.40 -8.99
CA GLY B 32 5.18 2.79 -7.80
C GLY B 32 4.67 3.86 -6.85
N GLU B 33 3.96 3.41 -5.83
CA GLU B 33 3.44 4.32 -4.82
C GLU B 33 4.58 4.88 -3.96
N THR B 34 4.33 6.05 -3.38
CA THR B 34 5.36 6.74 -2.61
C THR B 34 5.79 5.91 -1.41
N GLY B 35 7.10 5.74 -1.25
CA GLY B 35 7.65 4.99 -0.14
C GLY B 35 7.59 3.49 -0.30
N ILE B 36 7.30 2.98 -1.50
CA ILE B 36 7.15 1.54 -1.69
C ILE B 36 8.48 0.81 -1.71
N GLY B 37 9.60 1.52 -1.73
CA GLY B 37 10.91 0.91 -1.78
C GLY B 37 11.66 1.07 -3.10
N LYS B 38 11.30 2.06 -3.92
CA LYS B 38 11.91 2.22 -5.23
C LYS B 38 13.40 2.55 -5.13
N SER B 39 13.74 3.58 -4.35
CA SER B 39 15.15 3.96 -4.22
C SER B 39 15.97 2.84 -3.61
N THR B 40 15.40 2.14 -2.63
CA THR B 40 16.11 1.03 -1.99
C THR B 40 16.42 -0.07 -2.99
N LEU B 41 15.41 -0.47 -3.79
CA LEU B 41 15.61 -1.57 -4.72
C LEU B 41 16.63 -1.20 -5.80
N MET B 42 16.67 0.06 -6.22
CA MET B 42 17.70 0.50 -7.16
C MET B 42 19.09 0.36 -6.55
N ASN B 43 19.26 0.84 -5.32
CA ASN B 43 20.55 0.72 -4.65
C ASN B 43 20.93 -0.75 -4.45
N THR B 44 19.95 -1.64 -4.28
CA THR B 44 20.24 -3.05 -4.08
C THR B 44 20.60 -3.74 -5.39
N LEU B 45 19.96 -3.33 -6.49
CA LEU B 45 20.21 -3.97 -7.77
C LEU B 45 21.64 -3.73 -8.24
N PHE B 46 22.12 -2.48 -8.13
CA PHE B 46 23.43 -2.11 -8.61
C PHE B 46 24.53 -2.19 -7.56
N ASN B 47 24.20 -2.62 -6.34
CA ASN B 47 25.17 -2.75 -5.25
C ASN B 47 25.91 -1.44 -5.00
N THR B 48 25.16 -0.35 -5.02
CA THR B 48 25.71 0.97 -4.75
C THR B 48 24.62 1.79 -4.07
N THR B 49 24.79 3.11 -4.08
CA THR B 49 23.76 4.01 -3.55
C THR B 49 23.74 5.26 -4.41
N PHE B 50 22.62 5.48 -5.09
CA PHE B 50 22.39 6.72 -5.82
C PHE B 50 21.69 7.70 -4.89
N GLU B 51 22.22 8.92 -4.81
CA GLU B 51 21.71 9.91 -3.87
C GLU B 51 20.33 10.39 -4.33
N THR B 52 19.29 10.04 -3.57
CA THR B 52 17.94 10.51 -3.82
C THR B 52 17.31 10.97 -2.51
N GLU B 53 16.23 11.72 -2.63
CA GLU B 53 15.54 12.30 -1.50
C GLU B 53 14.18 11.64 -1.31
N GLU B 54 13.81 11.41 -0.05
CA GLU B 54 12.51 10.85 0.28
C GLU B 54 11.41 11.84 -0.10
N ALA B 55 10.42 11.35 -0.86
CA ALA B 55 9.32 12.20 -1.26
C ALA B 55 8.24 12.25 -0.18
N SER B 56 7.42 13.29 -0.24
CA SER B 56 6.25 13.38 0.62
C SER B 56 5.03 12.86 -0.13
N HIS B 57 3.91 12.79 0.59
CA HIS B 57 2.65 12.32 0.02
C HIS B 57 1.76 13.46 -0.46
N HIS B 58 2.23 14.71 -0.36
CA HIS B 58 1.41 15.87 -0.64
C HIS B 58 1.85 16.60 -1.90
N GLU B 59 2.31 15.86 -2.91
CA GLU B 59 2.64 16.43 -4.21
C GLU B 59 1.37 16.60 -5.05
N ALA B 60 1.19 17.79 -5.61
CA ALA B 60 -0.04 18.08 -6.35
C ALA B 60 -0.14 17.24 -7.62
N CYS B 61 0.99 16.97 -8.27
N CYS B 61 0.99 16.98 -8.29
CA CYS B 61 1.01 16.24 -9.52
CA CYS B 61 1.02 16.23 -9.53
C CYS B 61 2.18 15.26 -9.52
C CYS B 61 2.14 15.21 -9.48
N VAL B 62 2.05 14.23 -10.36
CA VAL B 62 3.13 13.26 -10.54
C VAL B 62 4.24 13.94 -11.35
N ARG B 63 5.44 13.97 -10.78
CA ARG B 63 6.60 14.57 -11.43
C ARG B 63 7.56 13.47 -11.86
N LEU B 64 8.03 13.56 -13.09
CA LEU B 64 9.02 12.62 -13.62
C LEU B 64 10.40 13.20 -13.37
N ARG B 65 11.22 12.47 -12.61
CA ARG B 65 12.53 12.96 -12.21
C ARG B 65 13.62 11.99 -12.67
N PRO B 66 14.45 12.36 -13.64
CA PRO B 66 15.52 11.47 -14.09
C PRO B 66 16.86 11.78 -13.45
N GLN B 67 17.70 10.76 -13.28
CA GLN B 67 19.04 10.91 -12.74
C GLN B 67 19.97 9.98 -13.51
N THR B 68 21.02 10.54 -14.11
CA THR B 68 21.95 9.77 -14.94
C THR B 68 23.23 9.47 -14.17
N TYR B 69 23.68 8.22 -14.25
CA TYR B 69 24.89 7.77 -13.56
C TYR B 69 25.78 7.00 -14.53
N ASP B 70 27.08 7.24 -14.45
CA ASP B 70 28.06 6.53 -15.27
C ASP B 70 28.73 5.47 -14.40
N LEU B 71 28.51 4.20 -14.74
CA LEU B 71 29.07 3.10 -13.97
C LEU B 71 29.27 1.90 -14.89
N GLN B 72 29.87 0.85 -14.32
CA GLN B 72 30.09 -0.40 -15.03
C GLN B 72 29.28 -1.50 -14.33
N GLU B 73 28.40 -2.15 -15.10
CA GLU B 73 27.64 -3.30 -14.62
C GLU B 73 27.73 -4.39 -15.68
N SER B 74 28.21 -5.56 -15.28
CA SER B 74 28.37 -6.70 -16.19
C SER B 74 29.27 -6.35 -17.37
N ASN B 75 30.42 -5.74 -17.05
CA ASN B 75 31.47 -5.44 -18.04
C ASN B 75 30.97 -4.52 -19.15
N VAL B 76 30.07 -3.60 -18.83
CA VAL B 76 29.52 -2.65 -19.80
C VAL B 76 29.74 -1.24 -19.29
N GLN B 77 30.28 -0.38 -20.15
CA GLN B 77 30.33 1.04 -19.85
C GLN B 77 28.92 1.59 -19.93
N LEU B 78 28.26 1.68 -18.78
CA LEU B 78 26.83 1.93 -18.71
C LEU B 78 26.57 3.39 -18.41
N LYS B 79 25.78 4.04 -19.25
CA LYS B 79 25.23 5.36 -18.95
C LYS B 79 23.80 5.12 -18.47
N LEU B 80 23.65 4.95 -17.16
CA LEU B 80 22.38 4.57 -16.56
C LEU B 80 21.58 5.80 -16.19
N THR B 81 20.33 5.86 -16.65
CA THR B 81 19.38 6.87 -16.22
C THR B 81 18.25 6.21 -15.47
N ILE B 82 18.05 6.59 -14.21
CA ILE B 82 16.96 6.10 -13.38
C ILE B 82 15.89 7.17 -13.33
N VAL B 83 14.70 6.86 -13.85
CA VAL B 83 13.60 7.80 -13.92
C VAL B 83 12.54 7.38 -12.90
N ASP B 84 12.16 8.32 -12.04
CA ASP B 84 11.20 8.07 -10.97
C ASP B 84 9.98 8.94 -11.21
N ALA B 85 8.81 8.31 -11.21
CA ALA B 85 7.53 9.03 -11.21
C ALA B 85 7.24 9.45 -9.77
N VAL B 86 7.58 10.69 -9.44
CA VAL B 86 7.50 11.17 -8.06
C VAL B 86 6.05 11.48 -7.70
N GLY B 87 5.61 11.00 -6.54
CA GLY B 87 4.28 11.30 -6.08
C GLY B 87 3.18 10.41 -6.64
N PHE B 88 3.54 9.26 -7.22
CA PHE B 88 2.55 8.38 -7.80
C PHE B 88 1.67 7.77 -6.71
N GLY B 89 0.36 7.79 -6.94
CA GLY B 89 -0.59 7.18 -6.02
C GLY B 89 -0.93 7.98 -4.79
N ASP B 90 -0.47 9.24 -4.70
CA ASP B 90 -0.69 10.06 -3.50
C ASP B 90 -1.93 10.93 -3.58
N GLN B 91 -2.37 11.30 -4.78
CA GLN B 91 -3.47 12.23 -4.90
C GLN B 91 -4.79 11.56 -4.54
N ILE B 92 -5.71 12.36 -4.02
CA ILE B 92 -7.07 11.85 -3.79
C ILE B 92 -7.72 11.50 -5.12
N ASN B 93 -7.54 12.34 -6.13
CA ASN B 93 -8.06 12.09 -7.46
C ASN B 93 -6.88 11.77 -8.39
N LYS B 94 -6.92 10.57 -8.98
CA LYS B 94 -5.80 10.03 -9.74
C LYS B 94 -6.21 9.66 -11.17
N ASP B 95 -7.19 10.35 -11.75
CA ASP B 95 -7.70 9.99 -13.07
C ASP B 95 -6.58 9.97 -14.11
N GLU B 96 -5.93 11.11 -14.33
CA GLU B 96 -4.89 11.24 -15.34
C GLU B 96 -3.50 11.23 -14.70
N SER B 97 -3.24 10.23 -13.84
CA SER B 97 -1.93 10.10 -13.22
C SER B 97 -0.88 9.59 -14.19
N TYR B 98 -1.30 8.89 -15.24
CA TYR B 98 -0.35 8.32 -16.19
C TYR B 98 0.24 9.36 -17.14
N ARG B 99 -0.40 10.52 -17.29
CA ARG B 99 -0.01 11.47 -18.33
C ARG B 99 1.41 11.99 -18.16
N PRO B 100 1.87 12.43 -16.99
CA PRO B 100 3.28 12.83 -16.88
C PRO B 100 4.24 11.71 -17.23
N ILE B 101 3.86 10.46 -16.98
CA ILE B 101 4.72 9.33 -17.32
C ILE B 101 4.76 9.12 -18.83
N VAL B 102 3.59 9.16 -19.49
CA VAL B 102 3.56 9.03 -20.93
C VAL B 102 4.21 10.24 -21.59
N ASP B 103 4.03 11.43 -21.03
CA ASP B 103 4.64 12.62 -21.59
C ASP B 103 6.16 12.49 -21.62
N TYR B 104 6.75 11.92 -20.58
CA TYR B 104 8.20 11.71 -20.57
C TYR B 104 8.61 10.66 -21.60
N ILE B 105 7.94 9.50 -21.59
CA ILE B 105 8.25 8.44 -22.54
C ILE B 105 8.11 8.94 -23.97
N ASP B 106 7.02 9.63 -24.27
CA ASP B 106 6.81 10.16 -25.62
C ASP B 106 7.84 11.23 -25.97
N ALA B 107 8.30 11.99 -24.97
CA ALA B 107 9.29 13.03 -25.25
C ALA B 107 10.61 12.43 -25.73
N GLN B 108 10.98 11.27 -25.19
CA GLN B 108 12.23 10.63 -25.61
C GLN B 108 12.10 9.99 -26.98
N PHE B 109 10.94 9.39 -27.25
CA PHE B 109 10.65 8.94 -28.61
C PHE B 109 10.70 10.12 -29.59
N GLU B 110 10.22 11.29 -29.16
CA GLU B 110 10.16 12.45 -30.04
C GLU B 110 11.56 12.95 -30.39
N ASN B 111 12.43 13.11 -29.38
CA ASN B 111 13.78 13.58 -29.65
C ASN B 111 14.58 12.58 -30.48
N TYR B 112 14.28 11.29 -30.33
CA TYR B 112 14.95 10.28 -31.15
C TYR B 112 14.48 10.36 -32.60
N LEU B 113 13.18 10.56 -32.82
CA LEU B 113 12.67 10.67 -34.17
C LEU B 113 13.19 11.92 -34.88
N GLN B 114 13.37 13.01 -34.13
CA GLN B 114 13.96 14.21 -34.70
C GLN B 114 15.37 13.95 -35.21
N GLU B 115 16.11 13.09 -34.50
CA GLU B 115 17.45 12.73 -34.93
C GLU B 115 17.41 11.98 -36.26
N GLU B 116 16.46 11.06 -36.42
CA GLU B 116 16.34 10.33 -37.68
C GLU B 116 15.94 11.23 -38.84
N LEU B 117 15.16 12.27 -38.57
CA LEU B 117 14.69 13.19 -39.60
C LEU B 117 15.69 14.28 -39.92
N LYS B 118 16.85 14.31 -39.28
CA LYS B 118 17.84 15.32 -39.62
C LYS B 118 18.50 14.99 -40.95
N ILE B 119 18.82 16.04 -41.71
CA ILE B 119 19.64 15.84 -42.91
C ILE B 119 21.04 15.39 -42.50
N ARG B 120 21.73 16.23 -41.72
CA ARG B 120 23.08 15.93 -41.23
C ARG B 120 22.94 15.39 -39.82
N ARG B 121 22.95 14.06 -39.70
CA ARG B 121 22.67 13.37 -38.45
C ARG B 121 23.98 13.04 -37.71
N SER B 122 23.82 12.46 -36.52
CA SER B 122 24.91 11.95 -35.70
C SER B 122 24.31 10.87 -34.80
N LEU B 123 23.92 9.76 -35.41
CA LEU B 123 23.22 8.70 -34.67
C LEU B 123 24.15 7.93 -33.74
N PHE B 124 25.43 7.80 -34.10
CA PHE B 124 26.33 7.04 -33.26
C PHE B 124 26.74 7.80 -32.00
N ASP B 125 26.76 9.13 -32.06
CA ASP B 125 27.02 9.95 -30.88
C ASP B 125 25.76 10.28 -30.09
N TYR B 126 24.59 9.95 -30.61
CA TYR B 126 23.34 10.33 -29.97
C TYR B 126 23.15 9.56 -28.66
N HIS B 127 22.70 10.27 -27.63
CA HIS B 127 22.42 9.66 -26.33
C HIS B 127 20.97 9.17 -26.33
N ASP B 128 20.79 7.85 -26.30
CA ASP B 128 19.46 7.24 -26.34
C ASP B 128 18.79 7.41 -24.98
N THR B 129 17.76 8.28 -24.93
CA THR B 129 17.05 8.58 -23.70
C THR B 129 15.71 7.85 -23.59
N ARG B 130 15.42 6.96 -24.53
CA ARG B 130 14.16 6.23 -24.49
C ARG B 130 14.15 5.26 -23.31
N ILE B 131 13.00 5.15 -22.64
CA ILE B 131 12.87 4.22 -21.54
C ILE B 131 12.95 2.79 -22.08
N HIS B 132 13.86 2.00 -21.52
CA HIS B 132 14.05 0.62 -21.94
C HIS B 132 13.38 -0.39 -21.03
N VAL B 133 13.23 -0.07 -19.74
CA VAL B 133 12.49 -0.91 -18.80
C VAL B 133 11.57 -0.03 -17.97
N CYS B 134 10.42 -0.59 -17.63
CA CYS B 134 9.54 0.00 -16.63
C CYS B 134 9.32 -1.04 -15.53
N LEU B 135 9.88 -0.79 -14.36
CA LEU B 135 9.63 -1.62 -13.19
C LEU B 135 8.37 -1.08 -12.51
N TYR B 136 7.30 -1.86 -12.54
CA TYR B 136 6.01 -1.45 -11.98
C TYR B 136 5.84 -2.11 -10.62
N PHE B 137 6.10 -1.34 -9.56
CA PHE B 137 5.99 -1.85 -8.21
C PHE B 137 4.52 -2.02 -7.84
N ILE B 138 4.14 -3.26 -7.49
CA ILE B 138 2.79 -3.57 -7.02
C ILE B 138 2.83 -3.72 -5.51
N THR B 139 2.00 -2.96 -4.82
CA THR B 139 1.95 -3.02 -3.37
C THR B 139 1.37 -4.36 -2.91
N PRO B 140 1.99 -5.00 -1.90
CA PRO B 140 1.57 -6.34 -1.46
C PRO B 140 0.35 -6.31 -0.53
N THR B 141 -0.80 -6.04 -1.15
CA THR B 141 -2.07 -6.09 -0.42
C THR B 141 -2.54 -7.53 -0.22
N GLY B 142 -2.37 -8.38 -1.23
CA GLY B 142 -2.81 -9.75 -1.16
C GLY B 142 -4.10 -10.06 -1.89
N HIS B 143 -4.73 -9.07 -2.50
CA HIS B 143 -5.96 -9.26 -3.26
C HIS B 143 -5.60 -9.33 -4.75
N SER B 144 -6.20 -8.52 -5.62
CA SER B 144 -5.82 -8.51 -7.03
C SER B 144 -4.99 -7.27 -7.32
N LEU B 145 -5.30 -6.58 -8.42
CA LEU B 145 -4.62 -5.35 -8.78
C LEU B 145 -5.48 -4.15 -8.38
N LYS B 146 -4.82 -3.09 -7.94
CA LYS B 146 -5.51 -1.84 -7.66
C LYS B 146 -6.05 -1.22 -8.95
N SER B 147 -6.99 -0.29 -8.78
CA SER B 147 -7.55 0.40 -9.93
C SER B 147 -6.50 1.23 -10.66
N LEU B 148 -5.56 1.80 -9.90
CA LEU B 148 -4.54 2.65 -10.52
C LEU B 148 -3.51 1.82 -11.28
N ASP B 149 -3.23 0.60 -10.82
CA ASP B 149 -2.31 -0.28 -11.53
C ASP B 149 -2.87 -0.70 -12.88
N LEU B 150 -4.16 -1.07 -12.91
CA LEU B 150 -4.76 -1.50 -14.17
C LEU B 150 -4.82 -0.35 -15.17
N VAL B 151 -5.27 0.83 -14.73
CA VAL B 151 -5.39 1.97 -15.63
C VAL B 151 -4.02 2.34 -16.21
N THR B 152 -3.01 2.45 -15.34
CA THR B 152 -1.71 2.97 -15.76
C THR B 152 -0.97 1.99 -16.66
N MET B 153 -0.97 0.70 -16.28
CA MET B 153 -0.29 -0.30 -17.10
C MET B 153 -0.93 -0.42 -18.48
N LYS B 154 -2.25 -0.26 -18.57
CA LYS B 154 -2.89 -0.28 -19.87
C LYS B 154 -2.44 0.89 -20.74
N LYS B 155 -2.06 2.01 -20.11
CA LYS B 155 -1.55 3.17 -20.85
C LYS B 155 -0.07 3.05 -21.18
N LEU B 156 0.65 2.15 -20.51
CA LEU B 156 2.09 2.03 -20.68
C LEU B 156 2.52 0.80 -21.45
N ASP B 157 1.65 -0.21 -21.61
CA ASP B 157 2.11 -1.51 -22.10
C ASP B 157 2.56 -1.46 -23.56
N SER B 158 2.08 -0.49 -24.34
CA SER B 158 2.49 -0.32 -25.73
C SER B 158 3.58 0.73 -25.90
N LYS B 159 4.26 1.11 -24.81
CA LYS B 159 5.22 2.19 -24.87
C LYS B 159 6.52 1.83 -24.17
N VAL B 160 6.45 0.96 -23.17
CA VAL B 160 7.62 0.51 -22.43
C VAL B 160 7.52 -1.00 -22.23
N ASN B 161 8.67 -1.62 -21.94
CA ASN B 161 8.71 -3.03 -21.56
C ASN B 161 8.41 -3.13 -20.07
N ILE B 162 7.19 -3.53 -19.73
CA ILE B 162 6.75 -3.53 -18.34
C ILE B 162 7.24 -4.81 -17.65
N ILE B 163 7.98 -4.66 -16.56
CA ILE B 163 8.28 -5.79 -15.67
C ILE B 163 7.52 -5.57 -14.37
N PRO B 164 6.44 -6.31 -14.13
CA PRO B 164 5.70 -6.17 -12.86
C PRO B 164 6.44 -6.85 -11.72
N ILE B 165 6.56 -6.15 -10.60
CA ILE B 165 7.21 -6.68 -9.42
C ILE B 165 6.32 -6.43 -8.19
N ILE B 166 6.32 -7.39 -7.26
CA ILE B 166 5.62 -7.23 -6.00
C ILE B 166 6.64 -6.70 -5.00
N ALA B 167 6.40 -5.47 -4.53
CA ALA B 167 7.33 -4.80 -3.62
C ALA B 167 7.12 -5.28 -2.20
N LYS B 168 8.14 -5.04 -1.37
CA LYS B 168 8.13 -5.41 0.05
C LYS B 168 7.58 -6.82 0.24
N ALA B 169 8.05 -7.74 -0.60
CA ALA B 169 7.52 -9.10 -0.61
C ALA B 169 7.80 -9.85 0.69
N ASP B 170 8.63 -9.31 1.57
CA ASP B 170 8.79 -9.87 2.91
C ASP B 170 7.55 -9.66 3.77
N THR B 171 6.49 -9.10 3.20
CA THR B 171 5.18 -8.95 3.82
C THR B 171 4.29 -10.17 3.58
N ILE B 172 4.49 -10.88 2.49
CA ILE B 172 3.59 -11.95 2.06
C ILE B 172 4.21 -13.29 2.39
N SER B 173 3.47 -14.11 3.13
CA SER B 173 3.85 -15.51 3.34
C SER B 173 3.81 -16.25 2.00
N LYS B 174 4.52 -17.39 1.96
CA LYS B 174 4.72 -18.09 0.69
C LYS B 174 3.41 -18.61 0.11
N SER B 175 2.47 -19.01 0.95
CA SER B 175 1.18 -19.48 0.46
C SER B 175 0.36 -18.33 -0.12
N GLU B 176 0.33 -17.19 0.59
CA GLU B 176 -0.38 -16.02 0.07
C GLU B 176 0.27 -15.53 -1.22
N LEU B 177 1.61 -15.53 -1.27
CA LEU B 177 2.32 -15.02 -2.44
C LEU B 177 2.02 -15.87 -3.68
N HIS B 178 1.95 -17.20 -3.49
CA HIS B 178 1.62 -18.08 -4.61
C HIS B 178 0.28 -17.70 -5.22
N LYS B 179 -0.76 -17.59 -4.40
CA LYS B 179 -2.08 -17.24 -4.91
C LYS B 179 -2.15 -15.78 -5.35
N PHE B 180 -1.37 -14.90 -4.74
CA PHE B 180 -1.34 -13.50 -5.14
C PHE B 180 -0.79 -13.34 -6.55
N LYS B 181 0.35 -13.99 -6.84
CA LYS B 181 0.91 -13.94 -8.19
C LYS B 181 -0.10 -14.40 -9.23
N ILE B 182 -0.83 -15.48 -8.93
CA ILE B 182 -1.79 -16.03 -9.90
C ILE B 182 -2.87 -15.00 -10.20
N LYS B 183 -3.39 -14.34 -9.16
CA LYS B 183 -4.46 -13.37 -9.38
C LYS B 183 -3.96 -12.13 -10.12
N ILE B 184 -2.73 -11.72 -9.88
CA ILE B 184 -2.16 -10.60 -10.61
C ILE B 184 -2.00 -10.93 -12.08
N MET B 185 -1.30 -12.04 -12.37
CA MET B 185 -1.11 -12.46 -13.76
C MET B 185 -2.45 -12.72 -14.44
N GLY B 186 -3.37 -13.39 -13.75
CA GLY B 186 -4.69 -13.63 -14.33
C GLY B 186 -5.39 -12.34 -14.73
N GLU B 187 -5.19 -11.27 -13.97
CA GLU B 187 -5.83 -10.00 -14.26
C GLU B 187 -5.16 -9.28 -15.44
N LEU B 188 -3.83 -9.40 -15.55
CA LEU B 188 -3.16 -8.84 -16.73
C LEU B 188 -3.62 -9.52 -18.00
N VAL B 189 -3.78 -10.85 -17.96
CA VAL B 189 -4.24 -11.60 -19.12
C VAL B 189 -5.65 -11.15 -19.52
N SER B 190 -6.60 -11.21 -18.58
CA SER B 190 -7.99 -10.92 -18.91
C SER B 190 -8.19 -9.48 -19.33
N ASN B 191 -7.37 -8.55 -18.82
CA ASN B 191 -7.44 -7.17 -19.28
C ASN B 191 -6.52 -6.89 -20.47
N GLY B 192 -5.72 -7.86 -20.89
CA GLY B 192 -4.89 -7.67 -22.07
C GLY B 192 -3.71 -6.74 -21.89
N VAL B 193 -3.07 -6.79 -20.73
CA VAL B 193 -1.87 -5.99 -20.47
C VAL B 193 -0.68 -6.76 -20.99
N GLN B 194 -0.02 -6.21 -22.02
CA GLN B 194 1.19 -6.81 -22.56
C GLN B 194 2.35 -6.44 -21.66
N ILE B 195 2.91 -7.44 -20.99
CA ILE B 195 4.09 -7.24 -20.16
C ILE B 195 5.30 -7.79 -20.92
N TYR B 196 6.49 -7.40 -20.48
CA TYR B 196 7.70 -7.90 -21.08
C TYR B 196 7.84 -9.40 -20.82
N GLN B 197 8.49 -10.09 -21.77
CA GLN B 197 8.77 -11.51 -21.65
C GLN B 197 10.23 -11.73 -21.98
N PHE B 198 10.94 -12.39 -21.07
CA PHE B 198 12.34 -12.69 -21.32
C PHE B 198 12.47 -13.61 -22.54
N PRO B 199 13.48 -13.40 -23.38
CA PRO B 199 13.53 -14.07 -24.69
C PRO B 199 13.69 -15.57 -24.57
N THR B 200 12.98 -16.31 -25.43
CA THR B 200 13.08 -17.76 -25.48
C THR B 200 13.58 -18.26 -26.82
N ASP B 201 14.09 -17.38 -27.68
CA ASP B 201 14.56 -17.76 -29.01
C ASP B 201 15.85 -18.56 -28.95
N ASP B 202 16.93 -17.93 -28.50
CA ASP B 202 18.21 -18.62 -28.39
C ASP B 202 18.10 -19.80 -27.45
N GLU B 203 18.53 -20.98 -27.91
CA GLU B 203 18.30 -22.20 -27.17
C GLU B 203 19.12 -22.30 -25.91
N ALA B 204 20.24 -21.57 -25.80
CA ALA B 204 21.04 -21.64 -24.59
C ALA B 204 20.32 -21.05 -23.39
N VAL B 205 19.49 -20.03 -23.60
CA VAL B 205 18.79 -19.38 -22.50
C VAL B 205 17.29 -19.56 -22.66
N ALA B 206 16.88 -20.73 -23.15
CA ALA B 206 15.47 -21.02 -23.34
C ALA B 206 14.81 -21.52 -22.05
N GLU B 207 15.43 -22.50 -21.40
CA GLU B 207 14.84 -23.04 -20.17
C GLU B 207 14.92 -22.05 -19.03
N ILE B 208 16.05 -21.35 -18.90
CA ILE B 208 16.22 -20.42 -17.79
C ILE B 208 15.26 -19.24 -17.92
N ASN B 209 15.11 -18.70 -19.14
CA ASN B 209 14.16 -17.61 -19.32
C ASN B 209 12.72 -18.09 -19.22
N ALA B 210 12.46 -19.37 -19.48
CA ALA B 210 11.10 -19.89 -19.31
C ALA B 210 10.67 -19.81 -17.86
N VAL B 211 11.59 -20.07 -16.93
CA VAL B 211 11.25 -19.99 -15.52
C VAL B 211 11.38 -18.56 -14.99
N MET B 212 12.08 -17.68 -15.71
CA MET B 212 12.05 -16.27 -15.37
C MET B 212 10.68 -15.67 -15.67
N ASN B 213 10.13 -15.97 -16.86
CA ASN B 213 8.78 -15.52 -17.18
C ASN B 213 7.75 -16.18 -16.29
N ALA B 214 7.97 -17.45 -15.91
CA ALA B 214 7.01 -18.15 -15.07
C ALA B 214 6.98 -17.61 -13.65
N HIS B 215 8.04 -16.94 -13.22
CA HIS B 215 8.13 -16.37 -11.88
C HIS B 215 7.64 -14.92 -11.83
N LEU B 216 7.13 -14.39 -12.93
CA LEU B 216 6.59 -13.05 -12.89
C LEU B 216 5.19 -13.06 -12.25
N PRO B 217 4.86 -12.05 -11.42
CA PRO B 217 5.70 -10.90 -11.08
C PRO B 217 6.76 -11.24 -10.03
N PHE B 218 7.96 -10.68 -10.18
CA PHE B 218 9.04 -10.97 -9.23
C PHE B 218 8.67 -10.44 -7.85
N ALA B 219 8.84 -11.29 -6.84
CA ALA B 219 8.60 -10.89 -5.45
C ALA B 219 9.93 -10.46 -4.85
N VAL B 220 10.16 -9.15 -4.80
CA VAL B 220 11.48 -8.62 -4.47
C VAL B 220 11.49 -8.06 -3.05
N VAL B 221 12.69 -8.03 -2.46
CA VAL B 221 12.98 -7.38 -1.19
C VAL B 221 14.28 -6.60 -1.36
N GLY B 222 14.27 -5.33 -0.97
CA GLY B 222 15.42 -4.45 -1.11
C GLY B 222 15.98 -4.07 0.25
N SER B 223 17.31 -4.02 0.35
CA SER B 223 17.99 -3.66 1.58
C SER B 223 19.47 -3.48 1.29
N THR B 224 20.04 -2.40 1.82
CA THR B 224 21.47 -2.18 1.76
C THR B 224 22.17 -2.38 3.10
N GLU B 225 21.40 -2.61 4.17
CA GLU B 225 21.99 -2.91 5.47
C GLU B 225 22.52 -4.33 5.48
N GLU B 226 23.64 -4.54 6.19
CA GLU B 226 24.33 -5.81 6.20
C GLU B 226 24.14 -6.49 7.55
N VAL B 227 23.52 -7.67 7.53
CA VAL B 227 23.29 -8.48 8.71
C VAL B 227 24.20 -9.70 8.65
N LYS B 228 24.87 -10.00 9.75
CA LYS B 228 25.71 -11.19 9.84
C LYS B 228 24.80 -12.41 9.98
N VAL B 229 24.83 -13.29 8.98
CA VAL B 229 24.09 -14.54 8.99
C VAL B 229 25.11 -15.66 8.92
N GLY B 230 25.19 -16.45 9.98
CA GLY B 230 26.23 -17.47 10.05
C GLY B 230 27.59 -16.85 10.23
N ASN B 231 28.36 -16.76 9.15
CA ASN B 231 29.69 -16.17 9.18
C ASN B 231 29.90 -15.27 7.96
N LYS B 232 28.84 -14.56 7.55
CA LYS B 232 28.91 -13.70 6.38
C LYS B 232 28.01 -12.49 6.58
N LEU B 233 28.48 -11.35 6.09
CA LEU B 233 27.65 -10.14 6.03
C LEU B 233 26.86 -10.15 4.73
N VAL B 234 25.53 -10.23 4.86
CA VAL B 234 24.61 -10.30 3.73
C VAL B 234 23.62 -9.14 3.84
N ARG B 235 23.31 -8.54 2.69
CA ARG B 235 22.26 -7.52 2.68
C ARG B 235 20.92 -8.15 3.05
N ALA B 236 20.25 -7.55 4.04
CA ALA B 236 19.07 -8.18 4.62
C ALA B 236 18.31 -7.16 5.46
N ARG B 237 17.12 -7.57 5.90
CA ARG B 237 16.29 -6.79 6.81
C ARG B 237 16.15 -7.51 8.13
N GLN B 238 16.44 -6.81 9.23
CA GLN B 238 16.49 -7.40 10.55
C GLN B 238 15.16 -7.16 11.27
N TYR B 239 14.44 -8.23 11.55
CA TYR B 239 13.22 -8.21 12.34
C TYR B 239 13.43 -8.88 13.68
N PRO B 240 12.60 -8.59 14.68
CA PRO B 240 12.71 -9.32 15.96
C PRO B 240 12.51 -10.81 15.82
N TRP B 241 11.86 -11.27 14.75
CA TRP B 241 11.57 -12.67 14.54
C TRP B 241 12.42 -13.35 13.47
N GLY B 242 13.30 -12.62 12.78
CA GLY B 242 14.08 -13.25 11.73
C GLY B 242 14.84 -12.24 10.88
N VAL B 243 15.51 -12.79 9.87
CA VAL B 243 16.37 -12.01 8.96
C VAL B 243 16.02 -12.39 7.53
N VAL B 244 15.48 -11.43 6.77
CA VAL B 244 15.13 -11.65 5.37
C VAL B 244 16.36 -11.36 4.52
N GLN B 245 16.97 -12.39 3.97
CA GLN B 245 18.18 -12.22 3.15
C GLN B 245 17.79 -11.84 1.72
N VAL B 246 18.30 -10.70 1.25
CA VAL B 246 17.94 -10.20 -0.07
C VAL B 246 18.36 -11.17 -1.17
N GLU B 247 19.55 -11.74 -1.05
CA GLU B 247 20.07 -12.61 -2.09
C GLU B 247 19.73 -14.08 -1.87
N ASN B 248 18.81 -14.37 -0.95
CA ASN B 248 18.30 -15.72 -0.75
C ASN B 248 17.10 -15.92 -1.68
N GLU B 249 17.22 -16.85 -2.61
CA GLU B 249 16.14 -17.06 -3.58
C GLU B 249 14.96 -17.81 -2.99
N ASN B 250 15.12 -18.44 -1.82
CA ASN B 250 13.97 -18.96 -1.11
C ASN B 250 13.17 -17.84 -0.46
N HIS B 251 13.84 -16.73 -0.13
CA HIS B 251 13.18 -15.62 0.55
C HIS B 251 12.44 -14.72 -0.44
N CYS B 252 13.07 -14.37 -1.56
CA CYS B 252 12.48 -13.45 -2.52
C CYS B 252 13.11 -13.70 -3.90
N ASP B 253 12.66 -12.91 -4.88
CA ASP B 253 13.05 -13.07 -6.28
C ASP B 253 14.03 -11.98 -6.72
N PHE B 254 14.78 -11.40 -5.78
CA PHE B 254 15.71 -10.32 -6.13
C PHE B 254 16.76 -10.81 -7.11
N VAL B 255 17.34 -11.98 -6.85
CA VAL B 255 18.37 -12.50 -7.75
C VAL B 255 17.80 -12.69 -9.15
N LYS B 256 16.56 -13.18 -9.26
CA LYS B 256 15.96 -13.34 -10.58
C LYS B 256 15.77 -11.99 -11.27
N LEU B 257 15.29 -10.98 -10.54
CA LEU B 257 15.11 -9.67 -11.14
C LEU B 257 16.44 -9.08 -11.59
N ARG B 258 17.48 -9.23 -10.76
CA ARG B 258 18.79 -8.67 -11.10
C ARG B 258 19.33 -9.23 -12.41
N GLU B 259 18.93 -10.43 -12.81
CA GLU B 259 19.36 -11.00 -14.07
C GLU B 259 18.95 -10.15 -15.27
N MET B 260 18.08 -9.17 -15.09
CA MET B 260 17.80 -8.22 -16.17
C MET B 260 18.99 -7.32 -16.47
N LEU B 261 19.93 -7.19 -15.52
CA LEU B 261 21.08 -6.31 -15.70
C LEU B 261 22.28 -7.01 -16.34
N ILE B 262 22.16 -8.29 -16.70
CA ILE B 262 23.21 -8.92 -17.51
C ILE B 262 23.13 -8.35 -18.92
N ARG B 263 24.28 -8.33 -19.61
CA ARG B 263 24.39 -7.62 -20.88
C ARG B 263 23.43 -8.17 -21.93
N VAL B 264 23.12 -9.46 -21.86
CA VAL B 264 22.22 -10.06 -22.86
C VAL B 264 20.81 -9.51 -22.71
N ASN B 265 20.29 -9.46 -21.48
CA ASN B 265 18.92 -8.99 -21.26
C ASN B 265 18.80 -7.49 -21.44
N MET B 266 19.82 -6.72 -21.05
CA MET B 266 19.80 -5.29 -21.31
C MET B 266 19.73 -5.00 -22.80
N GLU B 267 20.48 -5.76 -23.60
CA GLU B 267 20.46 -5.55 -25.04
C GLU B 267 19.10 -5.90 -25.64
N ASP B 268 18.46 -6.95 -25.12
CA ASP B 268 17.13 -7.31 -25.62
C ASP B 268 16.08 -6.28 -25.23
N LEU B 269 16.14 -5.79 -23.99
CA LEU B 269 15.21 -4.74 -23.57
C LEU B 269 15.36 -3.47 -24.42
N ARG B 270 16.59 -3.17 -24.85
CA ARG B 270 16.80 -2.03 -25.73
C ARG B 270 16.28 -2.33 -27.14
N GLU B 271 16.45 -3.57 -27.61
CA GLU B 271 16.02 -3.90 -28.97
C GLU B 271 14.50 -3.88 -29.09
N GLN B 272 13.80 -4.48 -28.12
CA GLN B 272 12.35 -4.41 -28.11
C GLN B 272 11.85 -2.98 -28.04
N THR B 273 12.51 -2.16 -27.20
CA THR B 273 12.19 -0.74 -27.16
C THR B 273 12.26 -0.11 -28.54
N HIS B 274 13.35 -0.38 -29.26
CA HIS B 274 13.53 0.24 -30.57
C HIS B 274 12.59 -0.37 -31.61
N SER B 275 12.57 -1.70 -31.72
CA SER B 275 11.89 -2.34 -32.83
C SER B 275 10.39 -2.45 -32.65
N ARG B 276 9.90 -2.31 -31.42
CA ARG B 276 8.46 -2.45 -31.16
C ARG B 276 7.84 -1.16 -30.66
N HIS B 277 8.25 -0.65 -29.49
CA HIS B 277 7.57 0.50 -28.91
C HIS B 277 7.89 1.78 -29.66
N TYR B 278 9.17 1.99 -30.01
CA TYR B 278 9.51 3.20 -30.74
C TYR B 278 8.94 3.18 -32.15
N GLU B 279 8.94 2.01 -32.81
CA GLU B 279 8.39 1.93 -34.16
C GLU B 279 6.90 2.22 -34.18
N LEU B 280 6.17 1.83 -33.12
CA LEU B 280 4.75 2.16 -33.02
C LEU B 280 4.55 3.65 -32.86
N TYR B 281 5.34 4.28 -31.99
CA TYR B 281 5.34 5.73 -31.88
C TYR B 281 5.72 6.38 -33.21
N ARG B 282 6.73 5.82 -33.88
CA ARG B 282 7.21 6.41 -35.12
C ARG B 282 6.13 6.40 -36.19
N ARG B 283 5.42 5.28 -36.35
CA ARG B 283 4.33 5.22 -37.32
C ARG B 283 3.28 6.29 -37.03
N CYS B 284 2.94 6.48 -35.75
CA CYS B 284 1.92 7.45 -35.39
C CYS B 284 2.37 8.88 -35.67
N LYS B 285 3.61 9.22 -35.29
CA LYS B 285 4.09 10.57 -35.49
C LYS B 285 4.25 10.92 -36.97
N LEU B 286 4.83 10.00 -37.75
CA LEU B 286 5.11 10.30 -39.15
C LEU B 286 3.83 10.46 -39.96
N GLU B 287 2.81 9.66 -39.67
CA GLU B 287 1.53 9.84 -40.34
C GLU B 287 0.84 11.11 -39.86
N GLU B 288 1.01 11.45 -38.58
CA GLU B 288 0.54 12.74 -38.08
C GLU B 288 1.24 13.89 -38.79
N MET B 289 2.55 13.74 -39.05
CA MET B 289 3.31 14.76 -39.75
C MET B 289 2.96 14.86 -41.23
N GLY B 290 2.33 13.82 -41.79
CA GLY B 290 1.89 13.85 -43.18
C GLY B 290 2.59 12.86 -44.09
N PHE B 291 3.62 12.18 -43.62
CA PHE B 291 4.35 11.23 -44.47
C PHE B 291 3.45 10.06 -44.85
N GLN B 292 3.76 9.47 -46.00
CA GLN B 292 3.03 8.29 -46.47
C GLN B 292 3.95 7.08 -46.56
#